data_2MLQ
#
_entry.id   2MLQ
#
_entity_poly.entity_id   1
_entity_poly.type   'polypeptide(L)'
_entity_poly.pdbx_seq_one_letter_code
;EKFRRYLSVFFRKHIT
;
_entity_poly.pdbx_strand_id   A
#
# COMPACT_ATOMS: atom_id res chain seq x y z
N GLU A 1 10.46 11.33 8.23
CA GLU A 1 9.08 11.13 7.81
C GLU A 1 8.84 9.69 7.36
N LYS A 2 7.59 9.30 7.28
CA LYS A 2 7.22 7.94 6.88
C LYS A 2 5.76 7.88 6.44
N PHE A 3 5.53 7.53 5.18
CA PHE A 3 4.18 7.42 4.65
C PHE A 3 4.03 6.17 3.78
N ARG A 4 4.79 5.14 4.11
CA ARG A 4 4.75 3.88 3.36
C ARG A 4 3.97 2.82 4.13
N ARG A 5 2.93 3.25 4.83
CA ARG A 5 2.10 2.34 5.61
C ARG A 5 0.68 2.29 5.05
N TYR A 6 0.28 3.36 4.38
CA TYR A 6 -1.07 3.45 3.81
C TYR A 6 -1.12 2.73 2.46
N LEU A 7 -0.17 3.05 1.59
CA LEU A 7 -0.12 2.45 0.26
C LEU A 7 0.19 0.96 0.36
N SER A 8 0.81 0.56 1.47
CA SER A 8 1.16 -0.84 1.68
C SER A 8 -0.06 -1.74 1.55
N VAL A 9 -1.23 -1.17 1.78
CA VAL A 9 -2.49 -1.92 1.68
C VAL A 9 -3.34 -1.41 0.52
N PHE A 10 -3.10 -0.17 0.12
CA PHE A 10 -3.84 0.43 -0.98
C PHE A 10 -3.32 -0.06 -2.33
N PHE A 11 -2.06 -0.47 -2.35
CA PHE A 11 -1.44 -0.96 -3.59
C PHE A 11 -1.94 -2.37 -3.91
N ARG A 12 -2.70 -2.95 -3.00
CA ARG A 12 -3.23 -4.30 -3.17
C ARG A 12 -4.30 -4.31 -4.26
N LYS A 13 -4.71 -3.12 -4.70
CA LYS A 13 -5.73 -3.00 -5.73
C LYS A 13 -5.14 -3.28 -7.10
N HIS A 14 -4.63 -4.50 -7.29
CA HIS A 14 -4.04 -4.89 -8.56
C HIS A 14 -4.00 -6.41 -8.70
N ILE A 15 -3.27 -7.06 -7.80
CA ILE A 15 -3.14 -8.51 -7.82
C ILE A 15 -4.02 -9.15 -6.75
N THR A 16 -4.18 -8.45 -5.62
CA THR A 16 -4.99 -8.95 -4.52
C THR A 16 -5.85 -7.83 -3.93
N GLU A 1 7.95 11.11 3.01
CA GLU A 1 8.60 11.24 4.31
C GLU A 1 8.32 10.01 5.18
N LYS A 2 7.06 9.83 5.56
CA LYS A 2 6.66 8.70 6.38
C LYS A 2 5.21 8.32 6.11
N PHE A 3 4.76 8.55 4.88
CA PHE A 3 3.39 8.23 4.50
C PHE A 3 3.36 6.99 3.61
N ARG A 4 4.43 6.20 3.67
CA ARG A 4 4.52 4.98 2.87
C ARG A 4 4.18 3.76 3.71
N ARG A 5 3.17 3.89 4.56
CA ARG A 5 2.75 2.80 5.44
C ARG A 5 1.32 2.37 5.10
N TYR A 6 0.47 3.33 4.77
CA TYR A 6 -0.91 3.05 4.45
C TYR A 6 -1.07 2.75 2.95
N LEU A 7 0.03 2.90 2.22
CA LEU A 7 0.02 2.64 0.78
C LEU A 7 0.18 1.15 0.49
N SER A 8 0.55 0.39 1.51
CA SER A 8 0.74 -1.05 1.36
C SER A 8 -0.60 -1.78 1.43
N VAL A 9 -1.68 -1.02 1.63
CA VAL A 9 -3.00 -1.60 1.73
C VAL A 9 -3.84 -1.24 0.50
N PHE A 10 -3.40 -0.22 -0.23
CA PHE A 10 -4.11 0.23 -1.43
C PHE A 10 -3.44 -0.32 -2.69
N PHE A 11 -2.13 -0.49 -2.63
CA PHE A 11 -1.38 -1.00 -3.77
C PHE A 11 -1.78 -2.44 -4.08
N ARG A 12 -2.36 -3.11 -3.10
CA ARG A 12 -2.79 -4.49 -3.28
C ARG A 12 -4.09 -4.55 -4.07
N LYS A 13 -4.06 -4.07 -5.31
CA LYS A 13 -5.24 -4.08 -6.16
C LYS A 13 -4.97 -4.87 -7.44
N HIS A 14 -3.92 -4.49 -8.16
CA HIS A 14 -3.56 -5.17 -9.40
C HIS A 14 -3.18 -6.62 -9.14
N ILE A 15 -2.72 -6.89 -7.92
CA ILE A 15 -2.33 -8.24 -7.54
C ILE A 15 -3.53 -9.19 -7.53
N THR A 16 -4.71 -8.62 -7.32
CA THR A 16 -5.93 -9.40 -7.28
C THR A 16 -5.77 -10.64 -6.40
N GLU A 1 9.13 9.49 10.22
CA GLU A 1 7.88 8.89 9.76
C GLU A 1 8.14 7.86 8.66
N LYS A 2 7.96 6.59 8.98
CA LYS A 2 8.17 5.51 8.02
C LYS A 2 7.02 5.45 7.03
N PHE A 3 7.35 5.31 5.74
CA PHE A 3 6.35 5.22 4.70
C PHE A 3 5.88 3.79 4.50
N ARG A 4 5.15 3.54 3.42
CA ARG A 4 4.66 2.21 3.12
C ARG A 4 3.68 1.73 4.20
N ARG A 5 2.86 2.66 4.68
CA ARG A 5 1.88 2.34 5.73
C ARG A 5 0.47 2.31 5.14
N TYR A 6 0.13 3.34 4.38
CA TYR A 6 -1.20 3.43 3.77
C TYR A 6 -1.18 2.87 2.36
N LEU A 7 -0.06 3.04 1.66
CA LEU A 7 0.08 2.54 0.30
C LEU A 7 0.43 1.06 0.29
N SER A 8 0.89 0.56 1.42
CA SER A 8 1.26 -0.85 1.55
C SER A 8 0.03 -1.74 1.50
N VAL A 9 -1.14 -1.14 1.69
CA VAL A 9 -2.40 -1.87 1.66
C VAL A 9 -3.30 -1.39 0.53
N PHE A 10 -3.09 -0.16 0.10
CA PHE A 10 -3.88 0.42 -0.98
C PHE A 10 -3.44 -0.14 -2.33
N PHE A 11 -2.14 -0.32 -2.49
CA PHE A 11 -1.59 -0.85 -3.75
C PHE A 11 -2.03 -2.29 -3.97
N ARG A 12 -2.56 -2.91 -2.91
CA ARG A 12 -3.03 -4.28 -2.99
C ARG A 12 -4.39 -4.37 -3.69
N LYS A 13 -4.44 -3.87 -4.92
CA LYS A 13 -5.67 -3.89 -5.70
C LYS A 13 -5.46 -4.57 -7.04
N HIS A 14 -4.62 -5.60 -7.05
CA HIS A 14 -4.32 -6.35 -8.27
C HIS A 14 -4.23 -7.84 -8.00
N ILE A 15 -3.34 -8.21 -7.09
CA ILE A 15 -3.15 -9.61 -6.72
C ILE A 15 -3.92 -9.96 -5.45
N THR A 16 -3.97 -9.02 -4.53
CA THR A 16 -4.68 -9.22 -3.26
C THR A 16 -5.60 -8.05 -2.95
N GLU A 1 9.27 13.26 6.17
CA GLU A 1 8.30 12.47 6.92
C GLU A 1 8.13 11.08 6.29
N LYS A 2 7.19 10.32 6.82
CA LYS A 2 6.93 8.98 6.32
C LYS A 2 5.47 8.82 5.91
N PHE A 3 5.23 7.98 4.90
CA PHE A 3 3.88 7.75 4.40
C PHE A 3 3.77 6.38 3.74
N ARG A 4 4.68 5.47 4.11
CA ARG A 4 4.69 4.13 3.55
C ARG A 4 4.00 3.14 4.49
N ARG A 5 2.76 3.44 4.85
CA ARG A 5 2.00 2.59 5.74
C ARG A 5 0.63 2.26 5.15
N TYR A 6 -0.01 3.26 4.56
CA TYR A 6 -1.32 3.08 3.95
C TYR A 6 -1.19 2.60 2.51
N LEU A 7 -0.07 2.95 1.88
CA LEU A 7 0.17 2.55 0.50
C LEU A 7 0.50 1.06 0.41
N SER A 8 0.99 0.50 1.51
CA SER A 8 1.34 -0.91 1.55
C SER A 8 0.11 -1.78 1.32
N VAL A 9 -1.07 -1.19 1.50
CA VAL A 9 -2.32 -1.91 1.32
C VAL A 9 -3.16 -1.30 0.19
N PHE A 10 -2.94 -0.01 -0.05
CA PHE A 10 -3.67 0.70 -1.10
C PHE A 10 -3.35 0.12 -2.47
N PHE A 11 -2.15 -0.45 -2.60
CA PHE A 11 -1.72 -1.04 -3.87
C PHE A 11 -2.19 -2.48 -3.98
N ARG A 12 -2.78 -2.99 -2.90
CA ARG A 12 -3.27 -4.36 -2.88
C ARG A 12 -4.68 -4.45 -3.46
N LYS A 13 -4.88 -3.85 -4.63
CA LYS A 13 -6.17 -3.85 -5.28
C LYS A 13 -6.18 -4.79 -6.48
N HIS A 14 -5.60 -5.97 -6.30
CA HIS A 14 -5.54 -6.96 -7.38
C HIS A 14 -5.91 -8.35 -6.86
N ILE A 15 -5.34 -8.74 -5.73
CA ILE A 15 -5.61 -10.03 -5.13
C ILE A 15 -6.39 -9.88 -3.82
N THR A 16 -6.11 -8.81 -3.09
CA THR A 16 -6.77 -8.55 -1.82
C THR A 16 -6.35 -7.20 -1.25
N GLU A 1 7.42 12.38 9.18
CA GLU A 1 6.05 11.87 9.13
C GLU A 1 6.05 10.34 9.10
N LYS A 2 4.87 9.76 9.27
CA LYS A 2 4.72 8.31 9.25
C LYS A 2 3.97 7.84 8.01
N PHE A 3 4.72 7.43 6.99
CA PHE A 3 4.12 6.96 5.75
C PHE A 3 4.45 5.49 5.51
N ARG A 4 4.21 5.02 4.28
CA ARG A 4 4.48 3.64 3.92
C ARG A 4 3.53 2.70 4.65
N ARG A 5 2.49 3.26 5.25
CA ARG A 5 1.50 2.47 5.98
C ARG A 5 0.17 2.42 5.24
N TYR A 6 0.05 3.27 4.22
CA TYR A 6 -1.18 3.33 3.43
C TYR A 6 -0.99 2.64 2.08
N LEU A 7 0.11 2.94 1.41
CA LEU A 7 0.42 2.34 0.12
C LEU A 7 0.80 0.87 0.27
N SER A 8 1.12 0.48 1.50
CA SER A 8 1.51 -0.90 1.78
C SER A 8 0.31 -1.84 1.63
N VAL A 9 -0.87 -1.27 1.51
CA VAL A 9 -2.10 -2.04 1.36
C VAL A 9 -3.00 -1.46 0.27
N PHE A 10 -3.08 -0.14 0.23
CA PHE A 10 -3.90 0.53 -0.77
C PHE A 10 -3.53 0.09 -2.18
N PHE A 11 -2.29 -0.34 -2.35
CA PHE A 11 -1.80 -0.79 -3.65
C PHE A 11 -2.41 -2.15 -4.01
N ARG A 12 -2.69 -2.95 -2.99
CA ARG A 12 -3.27 -4.28 -3.20
C ARG A 12 -4.76 -4.18 -3.51
N LYS A 13 -5.10 -3.47 -4.58
CA LYS A 13 -6.48 -3.30 -4.99
C LYS A 13 -6.86 -4.29 -6.08
N HIS A 14 -6.35 -4.05 -7.29
CA HIS A 14 -6.62 -4.92 -8.42
C HIS A 14 -6.29 -6.37 -8.09
N ILE A 15 -5.12 -6.58 -7.51
CA ILE A 15 -4.66 -7.92 -7.15
C ILE A 15 -5.64 -8.58 -6.17
N THR A 16 -6.46 -7.76 -5.52
CA THR A 16 -7.44 -8.26 -4.57
C THR A 16 -8.78 -7.54 -4.72
N GLU A 1 13.72 7.19 4.42
CA GLU A 1 12.59 6.81 5.25
C GLU A 1 11.62 5.91 4.48
N LYS A 2 10.67 5.32 5.19
CA LYS A 2 9.68 4.44 4.57
C LYS A 2 8.30 5.07 4.60
N PHE A 3 7.50 4.75 3.58
CA PHE A 3 6.15 5.30 3.48
C PHE A 3 5.16 4.21 3.04
N ARG A 4 5.47 2.97 3.38
CA ARG A 4 4.62 1.84 3.03
C ARG A 4 3.67 1.49 4.17
N ARG A 5 2.92 2.49 4.63
CA ARG A 5 1.97 2.28 5.72
C ARG A 5 0.54 2.30 5.21
N TYR A 6 0.21 3.31 4.41
CA TYR A 6 -1.13 3.44 3.86
C TYR A 6 -1.19 2.88 2.43
N LEU A 7 -0.11 3.11 1.67
CA LEU A 7 -0.05 2.63 0.29
C LEU A 7 0.27 1.14 0.25
N SER A 8 0.83 0.63 1.34
CA SER A 8 1.19 -0.78 1.43
C SER A 8 -0.07 -1.65 1.40
N VAL A 9 -1.21 -1.07 1.74
CA VAL A 9 -2.47 -1.80 1.74
C VAL A 9 -3.40 -1.28 0.66
N PHE A 10 -3.05 -0.14 0.07
CA PHE A 10 -3.86 0.47 -0.97
C PHE A 10 -3.40 0.00 -2.36
N PHE A 11 -2.14 -0.42 -2.44
CA PHE A 11 -1.59 -0.90 -3.71
C PHE A 11 -1.84 -2.39 -3.88
N ARG A 12 -2.64 -2.96 -2.98
CA ARG A 12 -2.95 -4.38 -3.05
C ARG A 12 -4.23 -4.62 -3.85
N LYS A 13 -4.53 -3.70 -4.76
CA LYS A 13 -5.72 -3.81 -5.60
C LYS A 13 -5.36 -4.23 -7.02
N HIS A 14 -4.33 -3.61 -7.56
CA HIS A 14 -3.87 -3.92 -8.91
C HIS A 14 -3.25 -5.31 -8.97
N ILE A 15 -2.72 -5.76 -7.84
CA ILE A 15 -2.09 -7.07 -7.76
C ILE A 15 -3.13 -8.19 -7.81
N THR A 16 -4.35 -7.87 -7.40
CA THR A 16 -5.44 -8.84 -7.41
C THR A 16 -5.01 -10.14 -6.73
N GLU A 1 8.17 12.14 7.28
CA GLU A 1 7.20 11.13 6.89
C GLU A 1 7.90 9.83 6.47
N LYS A 2 7.42 8.71 7.01
CA LYS A 2 8.00 7.41 6.71
C LYS A 2 7.32 6.79 5.49
N PHE A 3 6.06 7.12 5.28
CA PHE A 3 5.29 6.60 4.15
C PHE A 3 5.41 5.09 4.08
N ARG A 4 4.95 4.52 2.97
CA ARG A 4 5.01 3.08 2.77
C ARG A 4 4.40 2.34 3.96
N ARG A 5 3.33 2.91 4.52
CA ARG A 5 2.67 2.31 5.67
C ARG A 5 1.17 2.17 5.41
N TYR A 6 0.60 3.18 4.76
CA TYR A 6 -0.84 3.17 4.46
C TYR A 6 -1.08 2.98 2.96
N LEU A 7 -0.01 3.09 2.19
CA LEU A 7 -0.10 2.92 0.74
C LEU A 7 0.04 1.46 0.36
N SER A 8 0.51 0.64 1.29
CA SER A 8 0.69 -0.78 1.05
C SER A 8 -0.63 -1.52 1.18
N VAL A 9 -1.69 -0.80 1.53
CA VAL A 9 -3.00 -1.39 1.69
C VAL A 9 -3.86 -1.16 0.46
N PHE A 10 -3.50 -0.15 -0.33
CA PHE A 10 -4.24 0.18 -1.55
C PHE A 10 -3.59 -0.49 -2.76
N PHE A 11 -2.27 -0.42 -2.84
CA PHE A 11 -1.53 -1.01 -3.95
C PHE A 11 -1.74 -2.52 -3.99
N ARG A 12 -2.19 -3.09 -2.88
CA ARG A 12 -2.42 -4.52 -2.79
C ARG A 12 -3.74 -4.91 -3.46
N LYS A 13 -3.85 -4.61 -4.75
CA LYS A 13 -5.05 -4.92 -5.51
C LYS A 13 -4.73 -5.81 -6.70
N HIS A 14 -3.72 -5.41 -7.47
CA HIS A 14 -3.31 -6.18 -8.65
C HIS A 14 -2.57 -7.45 -8.23
N ILE A 15 -1.98 -7.42 -7.05
CA ILE A 15 -1.23 -8.57 -6.54
C ILE A 15 -2.18 -9.74 -6.24
N THR A 16 -3.44 -9.42 -5.96
CA THR A 16 -4.44 -10.43 -5.66
C THR A 16 -5.61 -10.36 -6.62
N GLU A 1 2.76 12.78 9.85
CA GLU A 1 2.49 11.35 9.68
C GLU A 1 3.56 10.69 8.81
N LYS A 2 3.68 9.38 8.91
CA LYS A 2 4.66 8.63 8.14
C LYS A 2 3.97 7.77 7.09
N PHE A 3 4.38 7.94 5.83
CA PHE A 3 3.81 7.18 4.72
C PHE A 3 4.49 5.82 4.59
N ARG A 4 4.35 5.20 3.42
CA ARG A 4 4.96 3.90 3.17
C ARG A 4 4.30 2.83 4.03
N ARG A 5 3.15 3.16 4.62
CA ARG A 5 2.42 2.23 5.47
C ARG A 5 0.98 2.09 5.00
N TYR A 6 0.39 3.20 4.56
CA TYR A 6 -0.98 3.20 4.11
C TYR A 6 -1.09 2.66 2.68
N LEU A 7 -0.20 3.14 1.81
CA LEU A 7 -0.19 2.70 0.41
C LEU A 7 0.07 1.20 0.32
N SER A 8 0.57 0.62 1.41
CA SER A 8 0.87 -0.81 1.44
C SER A 8 -0.42 -1.63 1.40
N VAL A 9 -1.53 -0.99 1.76
CA VAL A 9 -2.83 -1.66 1.77
C VAL A 9 -3.67 -1.22 0.57
N PHE A 10 -3.25 -0.14 -0.08
CA PHE A 10 -3.98 0.38 -1.23
C PHE A 10 -3.41 -0.18 -2.53
N PHE A 11 -2.09 -0.39 -2.55
CA PHE A 11 -1.42 -0.92 -3.73
C PHE A 11 -1.75 -2.40 -3.92
N ARG A 12 -2.34 -3.00 -2.90
CA ARG A 12 -2.72 -4.41 -2.97
C ARG A 12 -3.98 -4.61 -3.80
N LYS A 13 -3.94 -4.16 -5.05
CA LYS A 13 -5.08 -4.30 -5.95
C LYS A 13 -4.66 -4.95 -7.26
N HIS A 14 -3.48 -4.59 -7.75
CA HIS A 14 -2.97 -5.15 -9.00
C HIS A 14 -2.29 -6.50 -8.76
N ILE A 15 -1.86 -6.73 -7.52
CA ILE A 15 -1.20 -7.98 -7.17
C ILE A 15 -2.16 -9.15 -7.29
N THR A 16 -3.45 -8.89 -7.15
CA THR A 16 -4.47 -9.92 -7.25
C THR A 16 -5.47 -9.61 -8.36
N GLU A 1 12.60 9.48 5.31
CA GLU A 1 11.25 9.58 4.76
C GLU A 1 10.70 8.20 4.39
N LYS A 2 9.41 8.01 4.62
CA LYS A 2 8.75 6.74 4.32
C LYS A 2 7.25 6.93 4.11
N PHE A 3 6.75 6.43 2.98
CA PHE A 3 5.33 6.55 2.67
C PHE A 3 4.75 5.20 2.30
N ARG A 4 5.43 4.14 2.71
CA ARG A 4 4.98 2.78 2.42
C ARG A 4 4.24 2.19 3.62
N ARG A 5 3.18 2.87 4.05
CA ARG A 5 2.39 2.41 5.18
C ARG A 5 0.90 2.35 4.83
N TYR A 6 0.44 3.35 4.09
CA TYR A 6 -0.96 3.40 3.68
C TYR A 6 -1.17 2.75 2.32
N LEU A 7 -0.08 2.65 1.56
CA LEU A 7 -0.13 2.04 0.23
C LEU A 7 -0.01 0.52 0.33
N SER A 8 0.48 0.04 1.46
CA SER A 8 0.65 -1.39 1.69
C SER A 8 -0.70 -2.10 1.70
N VAL A 9 -1.77 -1.31 1.83
CA VAL A 9 -3.12 -1.86 1.86
C VAL A 9 -3.94 -1.38 0.67
N PHE A 10 -3.56 -0.22 0.13
CA PHE A 10 -4.26 0.36 -1.01
C PHE A 10 -3.61 -0.07 -2.33
N PHE A 11 -2.32 0.22 -2.46
CA PHE A 11 -1.59 -0.13 -3.67
C PHE A 11 -1.52 -1.64 -3.84
N ARG A 12 -1.77 -2.38 -2.75
CA ARG A 12 -1.74 -3.82 -2.78
C ARG A 12 -3.13 -4.40 -3.02
N LYS A 13 -4.01 -3.58 -3.59
CA LYS A 13 -5.38 -4.00 -3.88
C LYS A 13 -5.51 -4.44 -5.33
N HIS A 14 -5.04 -3.61 -6.24
CA HIS A 14 -5.10 -3.92 -7.67
C HIS A 14 -4.44 -5.26 -7.97
N ILE A 15 -3.47 -5.64 -7.14
CA ILE A 15 -2.76 -6.89 -7.32
C ILE A 15 -3.67 -8.08 -7.06
N THR A 16 -4.67 -7.88 -6.22
CA THR A 16 -5.63 -8.94 -5.90
C THR A 16 -6.99 -8.67 -6.52
N GLU A 1 8.44 9.39 11.18
CA GLU A 1 7.48 8.45 10.63
C GLU A 1 7.95 7.90 9.29
N LYS A 2 7.72 6.62 9.06
CA LYS A 2 8.11 5.98 7.81
C LYS A 2 6.89 5.64 6.95
N PHE A 3 6.96 6.02 5.68
CA PHE A 3 5.86 5.77 4.75
C PHE A 3 5.62 4.27 4.59
N ARG A 4 4.87 3.90 3.57
CA ARG A 4 4.56 2.50 3.30
C ARG A 4 3.62 1.95 4.37
N ARG A 5 2.79 2.81 4.94
CA ARG A 5 1.84 2.41 5.97
C ARG A 5 0.41 2.46 5.45
N TYR A 6 0.21 3.19 4.36
CA TYR A 6 -1.11 3.33 3.77
C TYR A 6 -1.12 2.83 2.33
N LEU A 7 0.01 2.98 1.64
CA LEU A 7 0.14 2.54 0.26
C LEU A 7 0.46 1.04 0.20
N SER A 8 0.94 0.50 1.31
CA SER A 8 1.29 -0.91 1.39
C SER A 8 0.04 -1.78 1.34
N VAL A 9 -1.12 -1.17 1.53
CA VAL A 9 -2.38 -1.89 1.51
C VAL A 9 -3.29 -1.36 0.40
N PHE A 10 -3.11 -0.09 0.05
CA PHE A 10 -3.91 0.54 -1.00
C PHE A 10 -3.54 -0.03 -2.37
N PHE A 11 -2.26 -0.27 -2.58
CA PHE A 11 -1.77 -0.81 -3.85
C PHE A 11 -2.06 -2.31 -3.95
N ARG A 12 -2.60 -2.87 -2.88
CA ARG A 12 -2.92 -4.30 -2.85
C ARG A 12 -4.36 -4.54 -3.30
N LYS A 13 -4.87 -3.63 -4.11
CA LYS A 13 -6.24 -3.75 -4.61
C LYS A 13 -6.30 -4.70 -5.80
N HIS A 14 -5.17 -4.88 -6.47
CA HIS A 14 -5.09 -5.77 -7.63
C HIS A 14 -5.66 -7.14 -7.29
N ILE A 15 -5.02 -7.82 -6.35
CA ILE A 15 -5.46 -9.15 -5.93
C ILE A 15 -6.26 -9.08 -4.63
N THR A 16 -5.89 -8.16 -3.75
CA THR A 16 -6.57 -7.99 -2.48
C THR A 16 -7.45 -6.75 -2.49
N GLU A 1 10.18 11.86 7.24
CA GLU A 1 8.86 11.25 7.10
C GLU A 1 8.98 9.88 6.43
N LYS A 2 8.97 8.83 7.26
CA LYS A 2 9.06 7.47 6.75
C LYS A 2 8.03 7.21 5.66
N PHE A 3 6.79 7.60 5.93
CA PHE A 3 5.70 7.42 4.97
C PHE A 3 5.66 5.98 4.47
N ARG A 4 4.89 5.75 3.42
CA ARG A 4 4.75 4.41 2.84
C ARG A 4 4.16 3.44 3.86
N ARG A 5 2.97 3.77 4.37
CA ARG A 5 2.30 2.92 5.34
C ARG A 5 0.95 2.45 4.81
N TYR A 6 0.07 3.41 4.52
CA TYR A 6 -1.26 3.08 4.01
C TYR A 6 -1.18 2.60 2.56
N LEU A 7 0.00 2.72 1.96
CA LEU A 7 0.21 2.31 0.58
C LEU A 7 0.44 0.80 0.50
N SER A 8 0.74 0.19 1.64
CA SER A 8 0.99 -1.24 1.70
C SER A 8 -0.31 -2.03 1.57
N VAL A 9 -1.43 -1.34 1.71
CA VAL A 9 -2.74 -1.96 1.61
C VAL A 9 -3.54 -1.39 0.43
N PHE A 10 -3.18 -0.18 0.04
CA PHE A 10 -3.86 0.50 -1.07
C PHE A 10 -3.38 -0.04 -2.41
N PHE A 11 -2.07 -0.22 -2.54
CA PHE A 11 -1.48 -0.74 -3.76
C PHE A 11 -1.91 -2.17 -4.02
N ARG A 12 -2.49 -2.80 -2.99
CA ARG A 12 -2.94 -4.19 -3.11
C ARG A 12 -4.28 -4.26 -3.84
N LYS A 13 -4.30 -3.71 -5.06
CA LYS A 13 -5.52 -3.71 -5.87
C LYS A 13 -5.33 -4.53 -7.14
N HIS A 14 -4.81 -5.75 -6.99
CA HIS A 14 -4.57 -6.62 -8.12
C HIS A 14 -4.30 -8.05 -7.67
N ILE A 15 -3.56 -8.19 -6.57
CA ILE A 15 -3.23 -9.50 -6.03
C ILE A 15 -4.31 -9.98 -5.07
N THR A 16 -4.84 -9.06 -4.28
CA THR A 16 -5.89 -9.39 -3.31
C THR A 16 -6.63 -8.13 -2.85
N GLU A 1 3.96 13.59 0.99
CA GLU A 1 2.65 13.53 1.62
C GLU A 1 2.74 12.86 2.99
N LYS A 2 2.84 11.55 2.99
CA LYS A 2 2.93 10.79 4.24
C LYS A 2 3.77 9.53 4.05
N PHE A 3 3.67 8.61 5.00
CA PHE A 3 4.42 7.36 4.94
C PHE A 3 3.75 6.37 4.00
N ARG A 4 4.45 5.27 3.71
CA ARG A 4 3.92 4.25 2.82
C ARG A 4 3.13 3.20 3.59
N ARG A 5 2.84 3.52 4.85
CA ARG A 5 2.09 2.60 5.71
C ARG A 5 0.67 2.42 5.21
N TYR A 6 0.19 3.37 4.41
CA TYR A 6 -1.15 3.31 3.87
C TYR A 6 -1.14 2.80 2.43
N LEU A 7 0.02 2.91 1.78
CA LEU A 7 0.17 2.45 0.40
C LEU A 7 0.49 0.96 0.36
N SER A 8 0.86 0.41 1.51
CA SER A 8 1.20 -1.01 1.60
C SER A 8 -0.05 -1.88 1.54
N VAL A 9 -1.21 -1.23 1.65
CA VAL A 9 -2.49 -1.94 1.61
C VAL A 9 -3.34 -1.45 0.44
N PHE A 10 -3.14 -0.20 0.05
CA PHE A 10 -3.89 0.39 -1.05
C PHE A 10 -3.42 -0.16 -2.39
N PHE A 11 -2.12 -0.37 -2.51
CA PHE A 11 -1.53 -0.89 -3.74
C PHE A 11 -2.06 -2.30 -4.03
N ARG A 12 -2.64 -2.93 -3.03
CA ARG A 12 -3.18 -4.27 -3.17
C ARG A 12 -4.53 -4.25 -3.89
N LYS A 13 -4.52 -3.71 -5.11
CA LYS A 13 -5.74 -3.63 -5.91
C LYS A 13 -5.54 -4.29 -7.28
N HIS A 14 -4.35 -4.13 -7.85
CA HIS A 14 -4.04 -4.71 -9.14
C HIS A 14 -3.57 -6.16 -8.99
N ILE A 15 -3.02 -6.47 -7.83
CA ILE A 15 -2.53 -7.83 -7.56
C ILE A 15 -3.67 -8.84 -7.62
N THR A 16 -4.90 -8.37 -7.43
CA THR A 16 -6.07 -9.24 -7.46
C THR A 16 -7.31 -8.46 -7.88
N GLU A 1 1.56 13.21 8.82
CA GLU A 1 2.03 12.85 7.49
C GLU A 1 3.27 11.96 7.58
N LYS A 2 3.34 10.98 6.68
CA LYS A 2 4.49 10.07 6.65
C LYS A 2 4.36 9.08 5.50
N PHE A 3 3.13 8.63 5.23
CA PHE A 3 2.88 7.69 4.15
C PHE A 3 3.80 6.48 4.26
N ARG A 4 3.91 5.74 3.16
CA ARG A 4 4.77 4.56 3.12
C ARG A 4 4.28 3.50 4.10
N ARG A 5 3.04 3.65 4.56
CA ARG A 5 2.44 2.71 5.50
C ARG A 5 1.02 2.36 5.10
N TYR A 6 0.26 3.37 4.67
CA TYR A 6 -1.12 3.17 4.26
C TYR A 6 -1.20 2.72 2.81
N LEU A 7 -0.14 2.98 2.06
CA LEU A 7 -0.08 2.61 0.65
C LEU A 7 0.18 1.11 0.50
N SER A 8 0.72 0.50 1.54
CA SER A 8 1.02 -0.92 1.52
C SER A 8 -0.25 -1.74 1.33
N VAL A 9 -1.39 -1.16 1.72
CA VAL A 9 -2.67 -1.84 1.59
C VAL A 9 -3.45 -1.30 0.39
N PHE A 10 -3.05 -0.13 -0.10
CA PHE A 10 -3.71 0.49 -1.22
C PHE A 10 -3.24 -0.11 -2.54
N PHE A 11 -1.98 -0.57 -2.56
CA PHE A 11 -1.41 -1.18 -3.75
C PHE A 11 -1.98 -2.57 -3.98
N ARG A 12 -2.75 -3.06 -3.02
CA ARG A 12 -3.35 -4.39 -3.12
C ARG A 12 -4.29 -4.46 -4.32
N LYS A 13 -4.68 -3.31 -4.85
CA LYS A 13 -5.57 -3.25 -5.99
C LYS A 13 -5.05 -4.12 -7.14
N HIS A 14 -3.74 -4.26 -7.21
CA HIS A 14 -3.11 -5.07 -8.25
C HIS A 14 -3.45 -6.55 -8.06
N ILE A 15 -3.49 -6.99 -6.81
CA ILE A 15 -3.80 -8.38 -6.50
C ILE A 15 -5.30 -8.61 -6.48
N THR A 16 -6.04 -7.63 -5.96
CA THR A 16 -7.49 -7.72 -5.88
C THR A 16 -8.16 -6.84 -6.92
N GLU A 1 3.12 12.01 6.11
CA GLU A 1 4.46 12.57 6.08
C GLU A 1 5.52 11.50 6.25
N LYS A 2 5.25 10.32 5.69
CA LYS A 2 6.18 9.20 5.78
C LYS A 2 5.81 8.11 4.78
N PHE A 3 4.51 7.85 4.64
CA PHE A 3 4.03 6.83 3.72
C PHE A 3 4.53 5.45 4.12
N ARG A 4 4.43 4.49 3.20
CA ARG A 4 4.87 3.13 3.46
C ARG A 4 4.02 2.48 4.55
N ARG A 5 2.83 3.02 4.76
CA ARG A 5 1.92 2.50 5.77
C ARG A 5 0.52 2.30 5.21
N TYR A 6 0.09 3.25 4.39
CA TYR A 6 -1.24 3.19 3.78
C TYR A 6 -1.16 2.64 2.35
N LEU A 7 -0.05 2.94 1.67
CA LEU A 7 0.15 2.49 0.31
C LEU A 7 0.44 1.00 0.27
N SER A 8 0.94 0.47 1.38
CA SER A 8 1.26 -0.95 1.47
C SER A 8 0.00 -1.81 1.40
N VAL A 9 -1.15 -1.16 1.60
CA VAL A 9 -2.43 -1.85 1.56
C VAL A 9 -3.32 -1.31 0.45
N PHE A 10 -3.09 -0.07 0.07
CA PHE A 10 -3.87 0.57 -0.99
C PHE A 10 -3.46 0.03 -2.35
N PHE A 11 -2.18 -0.29 -2.51
CA PHE A 11 -1.66 -0.80 -3.76
C PHE A 11 -1.97 -2.30 -3.90
N ARG A 12 -2.61 -2.86 -2.88
CA ARG A 12 -2.98 -4.27 -2.89
C ARG A 12 -4.38 -4.47 -3.47
N LYS A 13 -4.71 -3.69 -4.48
CA LYS A 13 -6.02 -3.77 -5.13
C LYS A 13 -5.97 -4.74 -6.32
N HIS A 14 -5.33 -5.88 -6.13
CA HIS A 14 -5.22 -6.88 -7.18
C HIS A 14 -5.38 -8.29 -6.62
N ILE A 15 -4.44 -8.68 -5.76
CA ILE A 15 -4.47 -10.00 -5.15
C ILE A 15 -5.21 -9.97 -3.81
N THR A 16 -5.01 -8.90 -3.05
CA THR A 16 -5.66 -8.76 -1.76
C THR A 16 -5.74 -10.09 -1.02
N GLU A 1 12.63 7.77 5.13
CA GLU A 1 11.33 7.80 5.79
C GLU A 1 10.52 6.56 5.47
N LYS A 2 9.45 6.34 6.23
CA LYS A 2 8.59 5.18 6.02
C LYS A 2 7.21 5.61 5.54
N PHE A 3 6.89 5.28 4.29
CA PHE A 3 5.60 5.63 3.72
C PHE A 3 4.97 4.42 3.02
N ARG A 4 5.33 3.23 3.48
CA ARG A 4 4.81 2.00 2.91
C ARG A 4 3.74 1.39 3.82
N ARG A 5 2.92 2.25 4.42
CA ARG A 5 1.87 1.80 5.31
C ARG A 5 0.49 2.15 4.74
N TYR A 6 0.45 3.15 3.88
CA TYR A 6 -0.80 3.58 3.27
C TYR A 6 -1.04 2.84 1.96
N LEU A 7 0.02 2.67 1.17
CA LEU A 7 -0.08 1.98 -0.11
C LEU A 7 0.03 0.47 0.08
N SER A 8 0.59 0.06 1.21
CA SER A 8 0.76 -1.36 1.51
C SER A 8 -0.60 -2.04 1.67
N VAL A 9 -1.65 -1.24 1.78
CA VAL A 9 -3.00 -1.77 1.93
C VAL A 9 -3.90 -1.30 0.79
N PHE A 10 -3.62 -0.11 0.27
CA PHE A 10 -4.41 0.44 -0.82
C PHE A 10 -3.86 -0.01 -2.17
N PHE A 11 -2.61 0.34 -2.45
CA PHE A 11 -1.97 -0.04 -3.71
C PHE A 11 -1.61 -1.52 -3.71
N ARG A 12 -1.59 -2.12 -2.53
CA ARG A 12 -1.25 -3.53 -2.40
C ARG A 12 -2.51 -4.39 -2.33
N LYS A 13 -3.62 -3.85 -2.83
CA LYS A 13 -4.88 -4.56 -2.83
C LYS A 13 -4.76 -5.90 -3.55
N HIS A 14 -3.78 -6.00 -4.44
CA HIS A 14 -3.56 -7.22 -5.20
C HIS A 14 -3.46 -8.42 -4.27
N ILE A 15 -2.33 -8.54 -3.58
CA ILE A 15 -2.11 -9.64 -2.65
C ILE A 15 -2.70 -9.34 -1.28
N THR A 16 -2.58 -8.09 -0.85
CA THR A 16 -3.10 -7.66 0.44
C THR A 16 -4.06 -6.49 0.28
N GLU A 1 9.68 10.45 2.27
CA GLU A 1 10.18 9.09 2.08
C GLU A 1 9.65 8.16 3.16
N LYS A 2 8.36 8.29 3.48
CA LYS A 2 7.73 7.46 4.50
C LYS A 2 6.24 7.31 4.22
N PHE A 3 5.87 7.31 2.94
CA PHE A 3 4.47 7.17 2.56
C PHE A 3 4.17 5.73 2.14
N ARG A 4 5.02 4.80 2.57
CA ARG A 4 4.85 3.39 2.25
C ARG A 4 4.20 2.65 3.41
N ARG A 5 3.17 3.26 4.01
CA ARG A 5 2.48 2.65 5.13
C ARG A 5 1.00 2.43 4.79
N TYR A 6 0.41 3.39 4.07
CA TYR A 6 -0.99 3.30 3.69
C TYR A 6 -1.14 2.65 2.31
N LEU A 7 -0.02 2.54 1.60
CA LEU A 7 -0.03 1.94 0.27
C LEU A 7 0.03 0.42 0.36
N SER A 8 0.49 -0.09 1.50
CA SER A 8 0.60 -1.52 1.71
C SER A 8 -0.79 -2.17 1.76
N VAL A 9 -1.81 -1.34 1.90
CA VAL A 9 -3.19 -1.83 1.96
C VAL A 9 -4.01 -1.30 0.79
N PHE A 10 -3.54 -0.21 0.19
CA PHE A 10 -4.23 0.40 -0.94
C PHE A 10 -3.61 -0.04 -2.26
N PHE A 11 -2.32 0.21 -2.41
CA PHE A 11 -1.60 -0.15 -3.63
C PHE A 11 -1.60 -1.67 -3.83
N ARG A 12 -1.85 -2.40 -2.74
CA ARG A 12 -1.86 -3.86 -2.78
C ARG A 12 -2.93 -4.35 -3.76
N LYS A 13 -3.89 -3.50 -4.07
CA LYS A 13 -4.96 -3.84 -5.01
C LYS A 13 -4.39 -4.29 -6.35
N HIS A 14 -3.18 -3.83 -6.66
CA HIS A 14 -2.52 -4.19 -7.90
C HIS A 14 -2.51 -5.70 -8.10
N ILE A 15 -1.68 -6.39 -7.34
CA ILE A 15 -1.57 -7.83 -7.43
C ILE A 15 -2.64 -8.52 -6.59
N THR A 16 -2.91 -7.98 -5.41
CA THR A 16 -3.92 -8.53 -4.52
C THR A 16 -5.04 -7.53 -4.27
N GLU A 1 13.23 6.28 2.18
CA GLU A 1 12.39 6.05 3.36
C GLU A 1 11.25 5.08 3.03
N LYS A 2 10.81 4.33 4.03
CA LYS A 2 9.73 3.37 3.86
C LYS A 2 8.39 4.08 3.76
N PHE A 3 7.59 3.71 2.76
CA PHE A 3 6.29 4.32 2.55
C PHE A 3 5.22 3.24 2.34
N ARG A 4 5.46 2.06 2.90
CA ARG A 4 4.52 0.95 2.77
C ARG A 4 3.55 0.93 3.94
N ARG A 5 2.95 2.08 4.24
CA ARG A 5 2.00 2.19 5.34
C ARG A 5 0.57 2.28 4.81
N TYR A 6 0.35 3.19 3.87
CA TYR A 6 -0.98 3.38 3.29
C TYR A 6 -1.11 2.60 1.98
N LEU A 7 -0.06 2.64 1.16
CA LEU A 7 -0.06 1.94 -0.11
C LEU A 7 0.01 0.43 0.08
N SER A 8 0.61 0.02 1.20
CA SER A 8 0.75 -1.39 1.51
C SER A 8 -0.62 -2.06 1.67
N VAL A 9 -1.65 -1.23 1.84
CA VAL A 9 -3.01 -1.73 1.99
C VAL A 9 -3.91 -1.24 0.86
N PHE A 10 -3.56 -0.09 0.28
CA PHE A 10 -4.34 0.48 -0.81
C PHE A 10 -3.78 0.03 -2.16
N PHE A 11 -2.52 0.36 -2.41
CA PHE A 11 -1.87 0.00 -3.67
C PHE A 11 -1.58 -1.50 -3.72
N ARG A 12 -1.60 -2.13 -2.55
CA ARG A 12 -1.33 -3.57 -2.45
C ARG A 12 -2.63 -4.36 -2.47
N LYS A 13 -3.68 -3.77 -3.01
CA LYS A 13 -4.98 -4.42 -3.09
C LYS A 13 -5.18 -5.08 -4.44
N HIS A 14 -4.69 -4.42 -5.49
CA HIS A 14 -4.81 -4.95 -6.84
C HIS A 14 -3.89 -6.15 -7.05
N ILE A 15 -2.76 -6.14 -6.34
CA ILE A 15 -1.79 -7.23 -6.44
C ILE A 15 -2.36 -8.53 -5.91
N THR A 16 -3.34 -8.42 -5.01
CA THR A 16 -3.97 -9.59 -4.42
C THR A 16 -2.93 -10.58 -3.90
N GLU A 1 13.87 6.19 2.21
CA GLU A 1 12.73 6.37 3.08
C GLU A 1 11.64 5.34 2.79
N LYS A 2 10.98 4.87 3.84
CA LYS A 2 9.93 3.87 3.70
C LYS A 2 8.55 4.54 3.67
N PHE A 3 7.69 4.07 2.77
CA PHE A 3 6.35 4.62 2.64
C PHE A 3 5.34 3.51 2.36
N ARG A 4 5.61 2.31 2.87
CA ARG A 4 4.73 1.17 2.66
C ARG A 4 3.78 1.00 3.85
N ARG A 5 3.01 2.05 4.13
CA ARG A 5 2.05 2.02 5.23
C ARG A 5 0.62 2.21 4.73
N TYR A 6 0.42 3.24 3.90
CA TYR A 6 -0.90 3.53 3.35
C TYR A 6 -1.11 2.79 2.03
N LEU A 7 -0.04 2.66 1.26
CA LEU A 7 -0.10 1.97 -0.02
C LEU A 7 0.00 0.46 0.16
N SER A 8 0.54 0.04 1.30
CA SER A 8 0.70 -1.38 1.60
C SER A 8 -0.66 -2.07 1.70
N VAL A 9 -1.71 -1.27 1.78
CA VAL A 9 -3.07 -1.80 1.89
C VAL A 9 -3.94 -1.31 0.73
N PHE A 10 -3.64 -0.11 0.24
CA PHE A 10 -4.39 0.47 -0.87
C PHE A 10 -3.83 0.01 -2.21
N PHE A 11 -2.57 0.35 -2.46
CA PHE A 11 -1.92 -0.03 -3.72
C PHE A 11 -1.56 -1.51 -3.71
N ARG A 12 -1.54 -2.11 -2.53
CA ARG A 12 -1.20 -3.52 -2.39
C ARG A 12 -2.47 -4.37 -2.33
N LYS A 13 -3.56 -3.83 -2.84
CA LYS A 13 -4.84 -4.54 -2.84
C LYS A 13 -5.02 -5.32 -4.13
N HIS A 14 -4.54 -4.77 -5.24
CA HIS A 14 -4.64 -5.42 -6.54
C HIS A 14 -3.67 -6.59 -6.64
N ILE A 15 -2.56 -6.50 -5.93
CA ILE A 15 -1.55 -7.55 -5.94
C ILE A 15 -2.10 -8.84 -5.32
N THR A 16 -3.10 -8.70 -4.46
CA THR A 16 -3.71 -9.84 -3.81
C THR A 16 -5.18 -9.58 -3.50
N GLU A 1 14.26 4.98 2.79
CA GLU A 1 13.00 5.07 3.51
C GLU A 1 11.97 4.12 2.91
N LYS A 2 10.87 3.92 3.62
CA LYS A 2 9.80 3.04 3.15
C LYS A 2 8.46 3.77 3.14
N PHE A 3 7.63 3.47 2.14
CA PHE A 3 6.33 4.10 2.01
C PHE A 3 5.22 3.05 1.91
N ARG A 4 5.46 1.90 2.53
CA ARG A 4 4.48 0.80 2.50
C ARG A 4 3.60 0.83 3.74
N ARG A 5 3.08 2.01 4.07
CA ARG A 5 2.22 2.16 5.24
C ARG A 5 0.76 2.34 4.82
N TYR A 6 0.52 3.26 3.89
CA TYR A 6 -0.82 3.52 3.40
C TYR A 6 -1.08 2.81 2.09
N LEU A 7 -0.03 2.66 1.29
CA LEU A 7 -0.13 1.99 -0.01
C LEU A 7 -0.08 0.48 0.15
N SER A 8 0.47 0.03 1.28
CA SER A 8 0.59 -1.40 1.55
C SER A 8 -0.79 -2.01 1.80
N VAL A 9 -1.81 -1.16 1.92
CA VAL A 9 -3.17 -1.62 2.15
C VAL A 9 -4.11 -1.15 1.05
N PHE A 10 -3.64 -0.20 0.24
CA PHE A 10 -4.44 0.33 -0.85
C PHE A 10 -3.85 -0.09 -2.20
N PHE A 11 -2.59 0.26 -2.43
CA PHE A 11 -1.91 -0.07 -3.67
C PHE A 11 -1.55 -1.56 -3.71
N ARG A 12 -1.56 -2.19 -2.55
CA ARG A 12 -1.23 -3.61 -2.45
C ARG A 12 -2.20 -4.45 -3.27
N LYS A 13 -3.35 -3.87 -3.59
CA LYS A 13 -4.37 -4.57 -4.36
C LYS A 13 -3.80 -5.07 -5.69
N HIS A 14 -2.76 -4.40 -6.16
CA HIS A 14 -2.10 -4.78 -7.41
C HIS A 14 -1.76 -6.27 -7.41
N ILE A 15 -0.71 -6.62 -6.68
CA ILE A 15 -0.27 -8.02 -6.59
C ILE A 15 -1.13 -8.80 -5.60
N THR A 16 -1.44 -8.17 -4.47
CA THR A 16 -2.25 -8.82 -3.44
C THR A 16 -3.38 -7.90 -2.99
N GLU A 1 14.09 5.72 2.54
CA GLU A 1 12.72 6.23 2.42
C GLU A 1 11.74 5.10 2.15
N LYS A 2 10.76 4.96 3.03
CA LYS A 2 9.74 3.91 2.89
C LYS A 2 8.34 4.49 3.06
N PHE A 3 7.45 4.15 2.14
CA PHE A 3 6.08 4.63 2.19
C PHE A 3 5.09 3.47 2.06
N ARG A 4 5.50 2.31 2.54
CA ARG A 4 4.65 1.12 2.49
C ARG A 4 3.77 1.02 3.73
N ARG A 5 3.10 2.12 4.07
CA ARG A 5 2.22 2.15 5.23
C ARG A 5 0.76 2.32 4.81
N TYR A 6 0.52 3.25 3.89
CA TYR A 6 -0.83 3.51 3.41
C TYR A 6 -1.08 2.79 2.08
N LEU A 7 -0.02 2.65 1.29
CA LEU A 7 -0.12 1.99 -0.01
C LEU A 7 -0.08 0.47 0.16
N SER A 8 0.47 0.02 1.28
CA SER A 8 0.57 -1.41 1.55
C SER A 8 -0.81 -2.03 1.80
N VAL A 9 -1.81 -1.17 1.93
CA VAL A 9 -3.18 -1.62 2.16
C VAL A 9 -4.11 -1.14 1.06
N PHE A 10 -3.63 -0.20 0.24
CA PHE A 10 -4.42 0.34 -0.85
C PHE A 10 -3.85 -0.07 -2.20
N PHE A 11 -2.58 0.27 -2.41
CA PHE A 11 -1.90 -0.07 -3.66
C PHE A 11 -1.55 -1.56 -3.71
N ARG A 12 -1.56 -2.20 -2.55
CA ARG A 12 -1.24 -3.61 -2.45
C ARG A 12 -2.18 -4.44 -3.32
N LYS A 13 -3.33 -3.87 -3.65
CA LYS A 13 -4.32 -4.57 -4.47
C LYS A 13 -3.91 -4.54 -5.94
N HIS A 14 -2.77 -5.16 -6.24
CA HIS A 14 -2.26 -5.22 -7.60
C HIS A 14 -1.28 -6.38 -7.77
N ILE A 15 -0.26 -6.41 -6.92
CA ILE A 15 0.74 -7.47 -6.98
C ILE A 15 0.66 -8.37 -5.76
N THR A 16 0.25 -7.80 -4.63
CA THR A 16 0.12 -8.55 -3.38
C THR A 16 -0.90 -7.91 -2.46
#